data_3H7T
#
_entry.id   3H7T
#
_cell.length_a   133.159
_cell.length_b   133.159
_cell.length_c   83.706
_cell.angle_alpha   90.000
_cell.angle_beta   90.000
_cell.angle_gamma   120.000
#
_symmetry.space_group_name_H-M   'P 63'
#
loop_
_entity.id
_entity.type
_entity.pdbx_description
1 polymer 'Group 3 allergen SMIPP-S YvT004A06'
2 non-polymer 'ZINC ION'
3 water water
#
_entity_poly.entity_id   1
_entity_poly.type   'polypeptide(L)'
_entity_poly.pdbx_seq_one_letter_code
;IIGGKKSDITKEPWAVGVLVDEKPFCGGSILTANFVITAAQCVDGTKPSDISIHYGSSYRTTKGTSVMAKKIYIVRYHPL
TMQNNYAVIETEMPIKLDDKTTKKIELPSLLYDPEPDTSVLVSGWGSTNFKSLEYSGDLMEANFTVVDRKSCEEQYKQIE
ADKYIYDGVFCAGGEYDETYIGYGDAGDPAVQNGTLVGVASYISSMPSEFPSVFLRVGYYVLDIKDIISGKVKPQ
;
_entity_poly.pdbx_strand_id   A,B
#
# COMPACT_ATOMS: atom_id res chain seq x y z
N ILE A 1 -12.51 -23.70 -6.54
CA ILE A 1 -13.56 -22.74 -6.99
C ILE A 1 -14.94 -23.35 -6.76
N ILE A 2 -15.77 -22.67 -5.99
CA ILE A 2 -17.14 -23.10 -5.75
C ILE A 2 -18.07 -22.46 -6.79
N GLY A 3 -18.81 -23.29 -7.53
CA GLY A 3 -19.80 -22.78 -8.49
C GLY A 3 -19.22 -22.48 -9.86
N GLY A 4 -18.10 -23.12 -10.18
CA GLY A 4 -17.50 -23.02 -11.50
C GLY A 4 -17.73 -24.32 -12.24
N LYS A 5 -16.88 -24.60 -13.22
CA LYS A 5 -16.98 -25.82 -14.00
C LYS A 5 -15.60 -26.32 -14.39
N LYS A 6 -15.52 -27.59 -14.79
CA LYS A 6 -14.24 -28.18 -15.18
C LYS A 6 -13.68 -27.44 -16.39
N SER A 7 -12.40 -27.11 -16.31
CA SER A 7 -11.75 -26.40 -17.39
C SER A 7 -10.67 -27.27 -18.03
N ASP A 8 -9.79 -26.63 -18.78
CA ASP A 8 -8.64 -27.27 -19.41
C ASP A 8 -7.49 -26.27 -19.43
N ILE A 9 -6.26 -26.76 -19.28
CA ILE A 9 -5.09 -25.88 -19.22
C ILE A 9 -4.89 -25.08 -20.52
N THR A 10 -5.46 -25.57 -21.62
CA THR A 10 -5.42 -24.83 -22.89
C THR A 10 -6.35 -23.61 -22.87
N LYS A 11 -7.35 -23.64 -22.00
CA LYS A 11 -8.23 -22.48 -21.81
C LYS A 11 -7.61 -21.41 -20.90
N GLU A 12 -6.71 -21.82 -20.01
CA GLU A 12 -6.00 -20.87 -19.14
C GLU A 12 -4.53 -21.23 -19.04
N PRO A 13 -3.80 -21.17 -20.18
CA PRO A 13 -2.41 -21.65 -20.26
C PRO A 13 -1.41 -20.88 -19.39
N TRP A 14 -1.88 -19.79 -18.78
CA TRP A 14 -1.08 -18.98 -17.85
C TRP A 14 -1.10 -19.54 -16.43
N ALA A 15 -2.10 -20.37 -16.14
CA ALA A 15 -2.29 -20.91 -14.78
C ALA A 15 -1.23 -21.94 -14.41
N VAL A 16 -0.70 -21.79 -13.20
CA VAL A 16 0.21 -22.77 -12.61
C VAL A 16 -0.19 -23.14 -11.19
N GLY A 17 0.35 -24.29 -10.74
CA GLY A 17 0.20 -24.71 -9.37
C GLY A 17 1.43 -24.34 -8.57
N VAL A 18 1.21 -23.91 -7.33
CA VAL A 18 2.33 -23.57 -6.45
C VAL A 18 2.33 -24.54 -5.28
N LEU A 19 3.21 -25.52 -5.36
CA LEU A 19 3.33 -26.56 -4.35
C LEU A 19 4.33 -26.11 -3.29
N VAL A 20 3.87 -26.06 -2.05
CA VAL A 20 4.68 -25.57 -0.96
C VAL A 20 4.82 -26.68 0.06
N ASP A 21 6.06 -27.01 0.39
CA ASP A 21 6.36 -28.14 1.25
C ASP A 21 5.65 -28.03 2.61
N GLU A 22 4.82 -29.05 2.90
CA GLU A 22 4.05 -29.17 4.15
C GLU A 22 3.10 -27.99 4.44
N LYS A 23 2.77 -27.24 3.39
CA LYS A 23 1.89 -26.08 3.51
C LYS A 23 0.76 -26.16 2.48
N PRO A 24 -0.29 -25.31 2.63
CA PRO A 24 -1.42 -25.28 1.69
C PRO A 24 -1.02 -25.06 0.24
N PHE A 25 -1.71 -25.73 -0.68
CA PHE A 25 -1.58 -25.49 -2.11
C PHE A 25 -2.12 -24.11 -2.48
N CYS A 26 -1.52 -23.51 -3.49
CA CYS A 26 -1.99 -22.26 -4.10
C CYS A 26 -1.87 -22.33 -5.61
N GLY A 27 -2.62 -21.45 -6.28
CA GLY A 27 -2.48 -21.25 -7.71
C GLY A 27 -1.51 -20.11 -7.98
N GLY A 28 -1.17 -19.94 -9.25
CA GLY A 28 -0.25 -18.90 -9.68
C GLY A 28 -0.50 -18.57 -11.15
N SER A 29 0.27 -17.62 -11.68
CA SER A 29 0.15 -17.26 -13.08
C SER A 29 1.53 -16.93 -13.68
N ILE A 30 1.74 -17.32 -14.94
CA ILE A 30 2.98 -17.04 -15.68
C ILE A 30 3.05 -15.58 -16.12
N LEU A 31 4.04 -14.85 -15.60
CA LEU A 31 4.33 -13.51 -16.10
C LEU A 31 5.39 -13.52 -17.21
N THR A 32 6.48 -14.24 -16.98
CA THR A 32 7.52 -14.47 -17.99
C THR A 32 8.05 -15.90 -17.82
N ALA A 33 8.97 -16.30 -18.69
CA ALA A 33 9.57 -17.63 -18.62
C ALA A 33 10.30 -17.89 -17.30
N ASN A 34 10.59 -16.82 -16.57
CA ASN A 34 11.34 -16.90 -15.32
C ASN A 34 10.55 -16.48 -14.08
N PHE A 35 9.39 -15.86 -14.28
CA PHE A 35 8.63 -15.29 -13.16
C PHE A 35 7.16 -15.73 -13.08
N VAL A 36 6.74 -16.09 -11.87
CA VAL A 36 5.36 -16.45 -11.57
C VAL A 36 4.83 -15.57 -10.45
N ILE A 37 3.57 -15.17 -10.53
CA ILE A 37 2.93 -14.41 -9.45
C ILE A 37 1.85 -15.23 -8.75
N THR A 38 1.86 -15.18 -7.42
CA THR A 38 0.90 -15.88 -6.58
C THR A 38 0.52 -14.96 -5.40
N ALA A 39 -0.23 -15.47 -4.42
CA ALA A 39 -0.55 -14.70 -3.23
C ALA A 39 0.58 -14.79 -2.23
N ALA A 40 0.82 -13.70 -1.48
CA ALA A 40 1.83 -13.71 -0.42
C ALA A 40 1.55 -14.74 0.67
N GLN A 41 0.28 -14.85 1.08
CA GLN A 41 -0.16 -15.81 2.11
C GLN A 41 0.28 -17.25 1.83
N CYS A 42 0.66 -17.52 0.59
CA CYS A 42 1.05 -18.86 0.16
C CYS A 42 2.48 -19.20 0.53
N VAL A 43 3.36 -18.20 0.50
CA VAL A 43 4.80 -18.46 0.50
C VAL A 43 5.61 -17.57 1.45
N ASP A 44 4.93 -16.69 2.17
CA ASP A 44 5.54 -15.79 3.14
C ASP A 44 6.36 -16.56 4.18
N GLY A 45 7.67 -16.28 4.21
CA GLY A 45 8.58 -16.90 5.17
C GLY A 45 8.98 -18.32 4.84
N THR A 46 8.75 -18.73 3.58
CA THR A 46 9.08 -20.07 3.11
C THR A 46 10.29 -20.03 2.20
N LYS A 47 11.26 -20.90 2.48
CA LYS A 47 12.46 -21.05 1.67
C LYS A 47 12.11 -21.52 0.26
N PRO A 48 12.79 -20.96 -0.76
CA PRO A 48 12.50 -21.26 -2.16
C PRO A 48 12.61 -22.74 -2.54
N SER A 49 13.53 -23.46 -1.89
CA SER A 49 13.72 -24.89 -2.16
C SER A 49 12.50 -25.74 -1.75
N ASP A 50 11.66 -25.18 -0.88
CA ASP A 50 10.43 -25.84 -0.44
C ASP A 50 9.25 -25.54 -1.37
N ILE A 51 9.52 -24.83 -2.47
CA ILE A 51 8.45 -24.41 -3.37
C ILE A 51 8.65 -24.96 -4.79
N SER A 52 7.58 -25.52 -5.35
CA SER A 52 7.57 -26.04 -6.72
C SER A 52 6.50 -25.34 -7.55
N ILE A 53 6.80 -25.12 -8.82
CA ILE A 53 5.86 -24.56 -9.77
C ILE A 53 5.47 -25.65 -10.76
N HIS A 54 4.17 -25.98 -10.81
CA HIS A 54 3.65 -27.03 -11.67
C HIS A 54 2.88 -26.39 -12.82
N TYR A 55 3.36 -26.62 -14.05
CA TYR A 55 2.80 -25.96 -15.24
C TYR A 55 2.50 -26.92 -16.40
N GLY A 56 1.64 -26.47 -17.31
CA GLY A 56 1.30 -27.21 -18.52
C GLY A 56 0.38 -28.40 -18.34
N SER A 57 -0.36 -28.43 -17.24
CA SER A 57 -1.28 -29.53 -16.97
C SER A 57 -2.62 -29.04 -16.42
N SER A 58 -3.71 -29.71 -16.81
CA SER A 58 -5.04 -29.50 -16.21
C SER A 58 -5.12 -30.08 -14.80
N TYR A 59 -4.18 -30.97 -14.47
CA TYR A 59 -4.18 -31.64 -13.18
C TYR A 59 -3.36 -30.89 -12.15
N ARG A 60 -3.78 -30.99 -10.89
CA ARG A 60 -3.21 -30.19 -9.80
C ARG A 60 -1.74 -30.49 -9.52
N THR A 61 -1.38 -31.78 -9.56
CA THR A 61 -0.05 -32.21 -9.09
C THR A 61 0.69 -33.10 -10.10
N THR A 62 0.01 -33.50 -11.18
CA THR A 62 0.55 -34.49 -12.11
C THR A 62 0.49 -34.07 -13.58
N LYS A 63 1.29 -34.76 -14.40
CA LYS A 63 1.22 -34.68 -15.87
C LYS A 63 1.62 -33.36 -16.49
N GLY A 64 2.51 -32.64 -15.84
CA GLY A 64 3.07 -31.48 -16.50
C GLY A 64 4.56 -31.45 -16.31
N THR A 65 5.06 -30.28 -15.95
CA THR A 65 6.45 -30.09 -15.65
C THR A 65 6.51 -29.36 -14.32
N SER A 66 7.47 -29.75 -13.49
CA SER A 66 7.69 -29.08 -12.21
C SER A 66 9.08 -28.47 -12.22
N VAL A 67 9.17 -27.28 -11.66
CA VAL A 67 10.42 -26.53 -11.61
C VAL A 67 10.51 -25.89 -10.23
N MET A 68 11.69 -25.98 -9.62
CA MET A 68 11.92 -25.45 -8.28
C MET A 68 11.97 -23.93 -8.30
N ALA A 69 11.58 -23.31 -7.19
CA ALA A 69 11.75 -21.86 -7.02
C ALA A 69 13.20 -21.55 -6.68
N LYS A 70 13.67 -20.39 -7.16
CA LYS A 70 15.00 -19.89 -6.84
C LYS A 70 14.93 -18.76 -5.82
N LYS A 71 14.11 -17.74 -6.10
CA LYS A 71 13.93 -16.60 -5.22
C LYS A 71 12.46 -16.25 -5.04
N ILE A 72 12.11 -15.74 -3.86
CA ILE A 72 10.77 -15.31 -3.53
C ILE A 72 10.78 -13.81 -3.22
N TYR A 73 9.93 -13.05 -3.89
CA TYR A 73 9.84 -11.60 -3.67
C TYR A 73 8.52 -11.26 -3.02
N ILE A 74 8.61 -10.70 -1.82
CA ILE A 74 7.44 -10.22 -1.07
C ILE A 74 7.65 -8.71 -0.85
N VAL A 75 6.60 -7.92 -1.10
CA VAL A 75 6.68 -6.47 -0.92
C VAL A 75 5.67 -5.97 0.13
N ARG A 76 6.09 -6.03 1.39
CA ARG A 76 5.33 -5.50 2.54
C ARG A 76 3.99 -6.20 2.79
N TYR A 77 3.96 -7.52 2.64
CA TYR A 77 2.74 -8.28 3.00
C TYR A 77 2.41 -8.06 4.47
N HIS A 78 1.16 -7.69 4.75
CA HIS A 78 0.69 -7.53 6.12
C HIS A 78 -0.36 -8.59 6.44
N PRO A 79 0.05 -9.68 7.11
CA PRO A 79 -0.89 -10.80 7.25
C PRO A 79 -2.15 -10.46 8.04
N LEU A 80 -2.09 -9.48 8.93
CA LEU A 80 -3.26 -9.12 9.76
C LEU A 80 -4.42 -8.58 8.94
N THR A 81 -4.10 -7.69 7.99
CA THR A 81 -5.11 -7.09 7.14
C THR A 81 -5.09 -7.76 5.77
N MET A 82 -4.07 -8.58 5.54
CA MET A 82 -3.80 -9.22 4.24
C MET A 82 -3.51 -8.19 3.14
N GLN A 83 -3.00 -7.03 3.55
CA GLN A 83 -2.62 -5.97 2.62
C GLN A 83 -1.44 -6.41 1.78
N ASN A 84 -1.43 -6.01 0.52
CA ASN A 84 -0.32 -6.29 -0.39
C ASN A 84 -0.06 -7.79 -0.51
N ASN A 85 -1.16 -8.55 -0.62
CA ASN A 85 -1.11 -10.01 -0.61
C ASN A 85 -0.73 -10.57 -2.00
N TYR A 86 0.52 -10.34 -2.40
CA TYR A 86 1.08 -10.95 -3.60
C TYR A 86 2.53 -11.34 -3.39
N ALA A 87 2.98 -12.35 -4.13
CA ALA A 87 4.39 -12.70 -4.15
C ALA A 87 4.83 -13.06 -5.55
N VAL A 88 6.08 -12.74 -5.87
CA VAL A 88 6.62 -13.12 -7.16
C VAL A 88 7.69 -14.18 -6.94
N ILE A 89 7.57 -15.25 -7.69
CA ILE A 89 8.48 -16.36 -7.60
C ILE A 89 9.34 -16.40 -8.86
N GLU A 90 10.65 -16.42 -8.66
CA GLU A 90 11.57 -16.66 -9.77
C GLU A 90 11.93 -18.14 -9.80
N THR A 91 11.85 -18.75 -10.98
CA THR A 91 12.14 -20.18 -11.12
C THR A 91 13.64 -20.45 -11.25
N GLU A 92 14.04 -21.66 -10.86
CA GLU A 92 15.43 -22.13 -10.99
C GLU A 92 15.84 -22.27 -12.46
N MET A 93 14.94 -22.85 -13.24
CA MET A 93 15.14 -23.03 -14.68
C MET A 93 13.98 -22.34 -15.41
N PRO A 94 14.20 -21.95 -16.68
CA PRO A 94 13.12 -21.27 -17.43
C PRO A 94 11.91 -22.17 -17.69
N ILE A 95 10.73 -21.57 -17.65
CA ILE A 95 9.50 -22.27 -17.96
C ILE A 95 9.41 -22.43 -19.48
N LYS A 96 9.13 -23.65 -19.93
CA LYS A 96 9.04 -23.94 -21.36
C LYS A 96 7.69 -23.53 -21.95
N LEU A 97 7.62 -22.28 -22.41
CA LEU A 97 6.43 -21.75 -23.06
C LEU A 97 6.19 -22.45 -24.39
N ASP A 98 4.92 -22.65 -24.75
CA ASP A 98 4.61 -23.42 -25.95
C ASP A 98 3.35 -22.93 -26.69
N ASP A 99 2.82 -21.79 -26.27
CA ASP A 99 1.59 -21.22 -26.87
C ASP A 99 0.47 -22.26 -27.07
N LYS A 100 0.35 -23.18 -26.11
CA LYS A 100 -0.72 -24.17 -26.12
C LYS A 100 -1.19 -24.42 -24.70
N THR A 101 -0.30 -25.00 -23.88
CA THR A 101 -0.64 -25.35 -22.51
C THR A 101 0.12 -24.46 -21.52
N THR A 102 1.13 -23.75 -22.01
CA THR A 102 1.96 -22.91 -21.15
C THR A 102 2.27 -21.58 -21.84
N LYS A 103 1.66 -20.51 -21.34
CA LYS A 103 1.80 -19.16 -21.94
C LYS A 103 1.88 -18.10 -20.85
N LYS A 104 2.56 -16.99 -21.15
CA LYS A 104 2.55 -15.86 -20.22
C LYS A 104 1.26 -15.04 -20.35
N ILE A 105 0.84 -14.46 -19.23
CA ILE A 105 -0.29 -13.53 -19.21
C ILE A 105 0.25 -12.12 -19.04
N GLU A 106 -0.26 -11.18 -19.84
CA GLU A 106 0.20 -9.78 -19.79
C GLU A 106 -0.31 -9.05 -18.56
N LEU A 107 0.49 -8.09 -18.06
CA LEU A 107 0.06 -7.24 -16.96
C LEU A 107 -0.92 -6.17 -17.45
N PRO A 108 -1.80 -5.68 -16.56
CA PRO A 108 -2.75 -4.63 -16.92
C PRO A 108 -2.07 -3.26 -16.89
N SER A 109 -2.76 -2.23 -17.38
CA SER A 109 -2.30 -0.85 -17.30
C SER A 109 -2.30 -0.37 -15.84
N LEU A 110 -1.52 0.68 -15.58
CA LEU A 110 -1.35 1.19 -14.22
C LEU A 110 -2.69 1.53 -13.57
N LEU A 111 -2.86 1.06 -12.34
CA LEU A 111 -4.05 1.31 -11.54
C LEU A 111 -5.37 0.82 -12.16
N TYR A 112 -5.28 -0.15 -13.07
CA TYR A 112 -6.49 -0.79 -13.62
C TYR A 112 -7.41 -1.24 -12.49
N ASP A 113 -8.71 -0.96 -12.64
CA ASP A 113 -9.69 -1.31 -11.62
C ASP A 113 -10.95 -1.84 -12.29
N PRO A 114 -11.19 -3.16 -12.18
CA PRO A 114 -12.33 -3.77 -12.89
C PRO A 114 -13.65 -3.11 -12.49
N GLU A 115 -14.47 -2.80 -13.49
CA GLU A 115 -15.74 -2.10 -13.25
C GLU A 115 -16.76 -3.06 -12.65
N PRO A 116 -17.57 -2.58 -11.68
CA PRO A 116 -18.68 -3.38 -11.15
C PRO A 116 -19.57 -3.88 -12.27
N ASP A 117 -20.06 -5.11 -12.13
CA ASP A 117 -20.94 -5.77 -13.11
C ASP A 117 -20.21 -6.35 -14.33
N THR A 118 -18.92 -6.09 -14.47
CA THR A 118 -18.13 -6.81 -15.46
C THR A 118 -17.68 -8.13 -14.83
N SER A 119 -17.12 -9.01 -15.65
CA SER A 119 -16.69 -10.35 -15.21
C SER A 119 -15.19 -10.57 -15.39
N VAL A 120 -14.61 -11.29 -14.43
CA VAL A 120 -13.24 -11.75 -14.52
C VAL A 120 -13.22 -13.26 -14.59
N LEU A 121 -12.36 -13.78 -15.46
CA LEU A 121 -12.18 -15.22 -15.61
C LEU A 121 -11.15 -15.71 -14.59
N VAL A 122 -11.57 -16.62 -13.72
CA VAL A 122 -10.75 -17.14 -12.63
C VAL A 122 -10.62 -18.64 -12.80
N SER A 123 -9.43 -19.18 -12.49
CA SER A 123 -9.16 -20.59 -12.71
C SER A 123 -8.18 -21.11 -11.68
N GLY A 124 -8.46 -22.29 -11.14
CA GLY A 124 -7.58 -22.88 -10.15
C GLY A 124 -8.03 -24.27 -9.71
N TRP A 125 -7.35 -24.78 -8.70
CA TRP A 125 -7.57 -26.16 -8.22
C TRP A 125 -8.04 -26.20 -6.76
N GLY A 126 -8.64 -25.12 -6.28
CA GLY A 126 -9.15 -25.08 -4.89
C GLY A 126 -10.42 -25.89 -4.71
N SER A 127 -10.89 -25.94 -3.46
CA SER A 127 -12.09 -26.70 -3.11
CA SER A 127 -12.09 -26.70 -3.11
C SER A 127 -13.30 -26.25 -3.92
N THR A 128 -14.22 -27.18 -4.17
CA THR A 128 -15.41 -26.92 -4.97
C THR A 128 -16.72 -26.97 -4.18
N ASN A 129 -16.63 -27.01 -2.86
CA ASN A 129 -17.78 -26.72 -1.99
C ASN A 129 -17.31 -26.22 -0.62
N PHE A 130 -18.15 -25.49 0.10
CA PHE A 130 -17.68 -24.80 1.30
C PHE A 130 -17.52 -25.71 2.52
N LYS A 131 -18.00 -26.95 2.42
CA LYS A 131 -17.81 -27.89 3.53
C LYS A 131 -16.47 -28.61 3.51
N SER A 132 -15.93 -28.80 2.31
CA SER A 132 -14.67 -29.53 2.15
CA SER A 132 -14.67 -29.54 2.14
C SER A 132 -13.48 -28.61 2.00
N LEU A 133 -12.38 -28.98 2.63
CA LEU A 133 -11.12 -28.26 2.47
C LEU A 133 -10.22 -28.99 1.48
N GLU A 134 -10.71 -30.08 0.88
CA GLU A 134 -9.91 -30.85 -0.10
C GLU A 134 -9.82 -30.11 -1.43
N TYR A 135 -8.67 -30.20 -2.11
CA TYR A 135 -8.46 -29.52 -3.39
C TYR A 135 -9.12 -30.29 -4.53
N SER A 136 -9.34 -29.60 -5.64
CA SER A 136 -9.83 -30.24 -6.86
C SER A 136 -8.65 -30.85 -7.62
N GLY A 137 -8.78 -32.09 -8.08
CA GLY A 137 -7.76 -32.70 -8.93
C GLY A 137 -7.68 -32.06 -10.31
N ASP A 138 -8.82 -31.54 -10.77
CA ASP A 138 -8.98 -30.97 -12.10
C ASP A 138 -9.01 -29.45 -12.00
N LEU A 139 -8.44 -28.78 -12.98
CA LEU A 139 -8.52 -27.32 -13.10
C LEU A 139 -9.99 -26.91 -13.33
N MET A 140 -10.46 -25.98 -12.50
CA MET A 140 -11.82 -25.45 -12.62
C MET A 140 -11.77 -23.99 -13.07
N GLU A 141 -12.84 -23.52 -13.69
CA GLU A 141 -12.93 -22.11 -14.08
C GLU A 141 -14.29 -21.53 -13.74
N ALA A 142 -14.34 -20.22 -13.51
CA ALA A 142 -15.61 -19.51 -13.41
C ALA A 142 -15.44 -18.04 -13.78
N ASN A 143 -16.53 -17.44 -14.25
CA ASN A 143 -16.62 -16.00 -14.35
C ASN A 143 -17.19 -15.44 -13.07
N PHE A 144 -16.40 -14.59 -12.41
CA PHE A 144 -16.80 -13.90 -11.18
C PHE A 144 -17.25 -12.50 -11.56
N THR A 145 -18.48 -12.13 -11.18
CA THR A 145 -18.98 -10.77 -11.39
C THR A 145 -18.39 -9.81 -10.37
N VAL A 146 -17.79 -8.74 -10.88
CA VAL A 146 -17.13 -7.74 -10.05
C VAL A 146 -18.16 -6.93 -9.24
N VAL A 147 -17.92 -6.84 -7.94
CA VAL A 147 -18.79 -6.13 -7.02
C VAL A 147 -18.12 -4.79 -6.68
N ASP A 148 -18.90 -3.71 -6.70
CA ASP A 148 -18.44 -2.39 -6.29
C ASP A 148 -17.69 -2.42 -4.96
N ARG A 149 -16.47 -1.86 -4.94
CA ARG A 149 -15.64 -1.87 -3.72
C ARG A 149 -16.33 -1.33 -2.46
N LYS A 150 -16.97 -0.16 -2.57
CA LYS A 150 -17.71 0.40 -1.45
C LYS A 150 -18.81 -0.55 -0.94
N SER A 151 -19.58 -1.10 -1.87
CA SER A 151 -20.65 -2.03 -1.53
C SER A 151 -20.10 -3.31 -0.86
N CYS A 152 -18.98 -3.80 -1.38
CA CYS A 152 -18.31 -4.97 -0.78
C CYS A 152 -17.80 -4.67 0.63
N GLU A 153 -17.17 -3.51 0.80
CA GLU A 153 -16.72 -3.08 2.11
C GLU A 153 -17.86 -2.99 3.13
N GLU A 154 -18.99 -2.42 2.70
CA GLU A 154 -20.17 -2.32 3.56
C GLU A 154 -20.65 -3.69 4.02
N GLN A 155 -20.69 -4.66 3.09
CA GLN A 155 -21.03 -6.06 3.41
C GLN A 155 -20.07 -6.69 4.42
N TYR A 156 -18.76 -6.53 4.19
CA TYR A 156 -17.73 -7.04 5.10
C TYR A 156 -17.80 -6.35 6.47
N LYS A 157 -18.16 -5.07 6.47
CA LYS A 157 -18.30 -4.30 7.70
C LYS A 157 -19.35 -4.88 8.65
N GLN A 158 -20.37 -5.55 8.08
CA GLN A 158 -21.44 -6.21 8.83
C GLN A 158 -20.92 -7.20 9.87
N ILE A 159 -19.82 -7.86 9.54
CA ILE A 159 -19.20 -8.82 10.46
C ILE A 159 -17.83 -8.31 10.90
N GLU A 160 -17.68 -6.98 10.90
CA GLU A 160 -16.43 -6.30 11.25
C GLU A 160 -15.20 -6.83 10.49
N ALA A 161 -15.35 -7.07 9.19
CA ALA A 161 -14.24 -7.59 8.40
C ALA A 161 -13.78 -6.60 7.33
N ASP A 162 -14.26 -5.37 7.45
CA ASP A 162 -13.99 -4.32 6.46
C ASP A 162 -12.49 -4.00 6.29
N LYS A 163 -11.67 -4.43 7.24
CA LYS A 163 -10.21 -4.25 7.18
C LYS A 163 -9.54 -4.96 5.98
N TYR A 164 -10.19 -6.00 5.46
CA TYR A 164 -9.66 -6.74 4.32
C TYR A 164 -9.90 -6.04 2.98
N ILE A 165 -10.80 -5.06 2.97
CA ILE A 165 -11.19 -4.37 1.72
C ILE A 165 -10.56 -2.97 1.65
N TYR A 166 -9.74 -2.77 0.63
CA TYR A 166 -9.00 -1.51 0.47
C TYR A 166 -8.73 -1.32 -1.03
N ASP A 167 -8.10 -0.22 -1.44
CA ASP A 167 -7.95 0.08 -2.87
C ASP A 167 -7.10 -0.95 -3.63
N GLY A 168 -6.25 -1.69 -2.91
CA GLY A 168 -5.36 -2.66 -3.53
C GLY A 168 -6.02 -4.03 -3.79
N VAL A 169 -7.31 -4.13 -3.47
CA VAL A 169 -8.11 -5.29 -3.86
C VAL A 169 -9.37 -4.88 -4.59
N PHE A 170 -9.93 -5.82 -5.35
CA PHE A 170 -11.30 -5.70 -5.83
C PHE A 170 -12.09 -6.94 -5.41
N CYS A 171 -13.41 -6.82 -5.42
CA CYS A 171 -14.29 -7.90 -4.97
C CYS A 171 -15.01 -8.47 -6.17
N ALA A 172 -15.21 -9.79 -6.16
CA ALA A 172 -15.95 -10.47 -7.21
C ALA A 172 -16.57 -11.75 -6.71
N GLY A 173 -17.66 -12.15 -7.37
CA GLY A 173 -18.43 -13.31 -6.99
C GLY A 173 -19.34 -13.00 -5.81
N GLY A 174 -19.62 -14.02 -5.01
CA GLY A 174 -20.50 -13.85 -3.87
C GLY A 174 -21.88 -14.37 -4.19
N GLU A 175 -22.87 -13.89 -3.44
CA GLU A 175 -24.26 -14.36 -3.53
C GLU A 175 -24.90 -14.20 -4.91
N TYR A 176 -24.57 -13.11 -5.61
CA TYR A 176 -25.13 -12.87 -6.95
C TYR A 176 -24.86 -14.03 -7.91
N ASP A 177 -23.61 -14.47 -7.98
CA ASP A 177 -23.20 -15.58 -8.85
C ASP A 177 -23.35 -16.96 -8.19
N GLU A 178 -23.35 -16.98 -6.86
CA GLU A 178 -23.10 -18.19 -6.07
C GLU A 178 -21.76 -18.82 -6.52
N THR A 179 -20.74 -17.97 -6.58
CA THR A 179 -19.42 -18.34 -7.09
C THR A 179 -18.39 -17.81 -6.10
N TYR A 180 -17.46 -18.66 -5.66
CA TYR A 180 -16.52 -18.30 -4.59
C TYR A 180 -15.14 -18.90 -4.77
N ILE A 181 -14.14 -18.20 -4.25
CA ILE A 181 -12.79 -18.74 -4.11
C ILE A 181 -12.83 -19.81 -3.01
N GLY A 182 -12.32 -21.01 -3.31
CA GLY A 182 -12.25 -22.09 -2.34
C GLY A 182 -10.89 -22.20 -1.69
N TYR A 183 -10.77 -23.07 -0.68
CA TYR A 183 -9.50 -23.34 -0.02
C TYR A 183 -8.57 -23.97 -1.05
N GLY A 184 -7.36 -23.45 -1.16
CA GLY A 184 -6.45 -23.81 -2.25
C GLY A 184 -6.46 -22.88 -3.47
N ASP A 185 -7.40 -21.96 -3.50
CA ASP A 185 -7.53 -21.03 -4.64
C ASP A 185 -6.81 -19.69 -4.44
N ALA A 186 -6.14 -19.50 -3.32
CA ALA A 186 -5.30 -18.31 -3.16
C ALA A 186 -4.27 -18.30 -4.29
N GLY A 187 -4.09 -17.15 -4.91
CA GLY A 187 -3.11 -17.00 -5.98
C GLY A 187 -3.67 -17.22 -7.36
N ASP A 188 -4.91 -17.71 -7.45
CA ASP A 188 -5.54 -17.96 -8.74
C ASP A 188 -5.56 -16.69 -9.59
N PRO A 189 -5.27 -16.81 -10.90
CA PRO A 189 -5.33 -15.66 -11.78
C PRO A 189 -6.77 -15.21 -12.02
N ALA A 190 -6.97 -13.90 -12.13
CA ALA A 190 -8.26 -13.35 -12.53
C ALA A 190 -8.00 -12.52 -13.76
N VAL A 191 -8.64 -12.89 -14.86
CA VAL A 191 -8.31 -12.35 -16.19
C VAL A 191 -9.43 -11.51 -16.80
N GLN A 192 -9.05 -10.37 -17.37
CA GLN A 192 -9.99 -9.54 -18.08
C GLN A 192 -9.28 -8.92 -19.27
N ASN A 193 -9.87 -9.08 -20.45
CA ASN A 193 -9.29 -8.60 -21.72
C ASN A 193 -7.84 -9.02 -21.91
N GLY A 194 -7.60 -10.33 -21.79
CA GLY A 194 -6.27 -10.92 -22.00
C GLY A 194 -5.16 -10.39 -21.12
N THR A 195 -5.50 -9.83 -19.97
CA THR A 195 -4.48 -9.38 -19.01
C THR A 195 -4.83 -9.86 -17.60
N LEU A 196 -3.82 -9.96 -16.74
CA LEU A 196 -4.00 -10.39 -15.35
C LEU A 196 -4.45 -9.22 -14.45
N VAL A 197 -5.75 -9.13 -14.19
CA VAL A 197 -6.26 -7.98 -13.41
C VAL A 197 -6.33 -8.24 -11.90
N GLY A 198 -6.34 -9.52 -11.53
CA GLY A 198 -6.42 -9.91 -10.13
C GLY A 198 -5.65 -11.16 -9.79
N VAL A 199 -5.33 -11.27 -8.50
CA VAL A 199 -4.74 -12.49 -7.94
C VAL A 199 -5.55 -12.85 -6.71
N ALA A 200 -6.17 -14.04 -6.73
CA ALA A 200 -7.07 -14.43 -5.64
C ALA A 200 -6.44 -14.43 -4.26
N SER A 201 -7.19 -13.91 -3.29
CA SER A 201 -6.91 -14.09 -1.89
C SER A 201 -7.85 -15.15 -1.33
N TYR A 202 -7.44 -15.73 -0.23
CA TYR A 202 -8.33 -16.60 0.55
C TYR A 202 -8.32 -16.16 2.00
N ILE A 203 -9.47 -15.72 2.49
CA ILE A 203 -9.56 -15.27 3.88
C ILE A 203 -10.22 -16.38 4.71
N SER A 204 -9.39 -17.10 5.45
CA SER A 204 -9.86 -18.29 6.16
C SER A 204 -11.02 -18.01 7.12
N SER A 205 -11.09 -16.80 7.67
CA SER A 205 -12.17 -16.48 8.61
C SER A 205 -13.52 -16.17 7.94
N MET A 206 -13.53 -15.99 6.62
CA MET A 206 -14.74 -15.59 5.92
C MET A 206 -15.64 -16.77 5.55
N PRO A 207 -16.94 -16.68 5.90
CA PRO A 207 -17.91 -17.65 5.41
C PRO A 207 -18.33 -17.29 4.00
N SER A 208 -19.13 -18.14 3.36
CA SER A 208 -19.71 -17.80 2.07
C SER A 208 -20.78 -16.71 2.21
N GLU A 209 -21.34 -16.32 1.06
CA GLU A 209 -22.32 -15.22 0.91
C GLU A 209 -21.68 -13.85 0.81
N PHE A 210 -20.37 -13.77 1.05
CA PHE A 210 -19.64 -12.53 0.83
C PHE A 210 -18.86 -12.68 -0.47
N PRO A 211 -18.65 -11.57 -1.21
CA PRO A 211 -17.82 -11.65 -2.41
C PRO A 211 -16.40 -12.09 -2.06
N SER A 212 -15.75 -12.77 -2.99
CA SER A 212 -14.35 -13.13 -2.80
C SER A 212 -13.42 -11.94 -3.05
N VAL A 213 -12.19 -12.02 -2.55
CA VAL A 213 -11.26 -10.89 -2.60
C VAL A 213 -10.06 -11.20 -3.50
N PHE A 214 -9.71 -10.24 -4.34
CA PHE A 214 -8.67 -10.40 -5.33
C PHE A 214 -7.72 -9.22 -5.26
N LEU A 215 -6.42 -9.49 -5.19
CA LEU A 215 -5.44 -8.43 -5.31
C LEU A 215 -5.67 -7.69 -6.64
N ARG A 216 -5.74 -6.36 -6.56
CA ARG A 216 -5.86 -5.55 -7.77
C ARG A 216 -4.45 -5.37 -8.33
N VAL A 217 -4.15 -6.13 -9.38
CA VAL A 217 -2.82 -6.13 -9.97
C VAL A 217 -2.39 -4.74 -10.46
N GLY A 218 -3.30 -4.01 -11.10
CA GLY A 218 -3.07 -2.63 -11.53
C GLY A 218 -2.43 -1.74 -10.48
N TYR A 219 -2.86 -1.92 -9.23
CA TYR A 219 -2.38 -1.14 -8.08
C TYR A 219 -0.90 -1.40 -7.79
N TYR A 220 -0.42 -2.56 -8.23
CA TYR A 220 0.93 -3.00 -7.87
C TYR A 220 1.84 -3.24 -9.08
N VAL A 221 1.43 -2.78 -10.27
CA VAL A 221 2.17 -3.02 -11.52
C VAL A 221 3.61 -2.47 -11.50
N LEU A 222 3.80 -1.32 -10.86
CA LEU A 222 5.14 -0.73 -10.68
C LEU A 222 6.02 -1.64 -9.83
N ASP A 223 5.43 -2.18 -8.76
CA ASP A 223 6.14 -3.12 -7.90
C ASP A 223 6.49 -4.40 -8.65
N ILE A 224 5.53 -4.94 -9.41
CA ILE A 224 5.78 -6.17 -10.18
C ILE A 224 6.90 -5.97 -11.18
N LYS A 225 6.88 -4.83 -11.86
CA LYS A 225 7.89 -4.50 -12.87
C LYS A 225 9.26 -4.20 -12.25
N ASP A 226 9.25 -3.65 -11.02
CA ASP A 226 10.48 -3.44 -10.26
C ASP A 226 11.14 -4.76 -9.87
N ILE A 227 10.32 -5.72 -9.45
CA ILE A 227 10.79 -7.05 -9.08
C ILE A 227 11.45 -7.70 -10.29
N ILE A 228 10.75 -7.68 -11.43
CA ILE A 228 11.21 -8.30 -12.65
C ILE A 228 12.47 -7.63 -13.22
N SER A 229 12.64 -6.34 -12.95
CA SER A 229 13.82 -5.59 -13.40
C SER A 229 15.02 -5.79 -12.47
N GLY A 230 14.82 -6.54 -11.38
CA GLY A 230 15.88 -6.82 -10.43
C GLY A 230 16.14 -5.69 -9.46
N LYS A 231 15.16 -4.83 -9.26
CA LYS A 231 15.28 -3.67 -8.38
C LYS A 231 14.73 -3.90 -6.97
N VAL A 232 14.37 -5.15 -6.66
CA VAL A 232 13.84 -5.51 -5.35
C VAL A 232 14.57 -6.72 -4.79
N LYS A 233 15.07 -6.61 -3.57
CA LYS A 233 15.67 -7.73 -2.85
C LYS A 233 14.65 -8.84 -2.59
N PRO A 234 15.08 -10.11 -2.76
CA PRO A 234 14.25 -11.27 -2.38
C PRO A 234 14.17 -11.46 -0.87
N GLN A 235 13.21 -12.28 -0.42
CA GLN A 235 13.00 -12.51 1.01
C GLN A 235 14.11 -13.36 1.63
N ILE B 1 2.31 27.61 6.12
CA ILE B 1 0.83 27.51 6.22
C ILE B 1 0.22 28.87 5.90
N ILE B 2 -0.71 28.88 4.97
CA ILE B 2 -1.39 30.10 4.55
C ILE B 2 -2.71 30.21 5.31
N GLY B 3 -2.91 31.35 5.98
CA GLY B 3 -4.14 31.65 6.71
C GLY B 3 -4.23 31.02 8.09
N GLY B 4 -3.08 30.67 8.64
CA GLY B 4 -3.03 30.10 9.98
C GLY B 4 -2.71 31.18 10.98
N LYS B 5 -2.21 30.78 12.14
CA LYS B 5 -1.77 31.76 13.14
C LYS B 5 -0.39 31.39 13.66
N LYS B 6 0.33 32.40 14.15
CA LYS B 6 1.65 32.18 14.70
C LYS B 6 1.52 31.26 15.89
N SER B 7 2.41 30.29 15.96
CA SER B 7 2.36 29.32 17.04
C SER B 7 3.63 29.38 17.86
N ASP B 8 3.76 28.43 18.78
CA ASP B 8 4.93 28.32 19.63
C ASP B 8 5.28 26.83 19.72
N ILE B 9 6.57 26.51 19.80
CA ILE B 9 7.02 25.12 19.83
C ILE B 9 6.45 24.40 21.07
N THR B 10 6.15 25.17 22.12
CA THR B 10 5.50 24.62 23.32
C THR B 10 4.10 24.08 23.00
N LYS B 11 3.43 24.68 22.02
CA LYS B 11 2.10 24.20 21.60
C LYS B 11 2.14 22.96 20.71
N GLU B 12 3.22 22.80 19.94
CA GLU B 12 3.44 21.56 19.16
C GLU B 12 4.88 21.09 19.33
N PRO B 13 5.24 20.57 20.54
CA PRO B 13 6.64 20.22 20.83
C PRO B 13 7.20 19.06 20.00
N TRP B 14 6.33 18.37 19.28
CA TRP B 14 6.72 17.26 18.41
C TRP B 14 7.21 17.73 17.03
N ALA B 15 7.01 19.02 16.72
CA ALA B 15 7.34 19.53 15.39
C ALA B 15 8.83 19.79 15.25
N VAL B 16 9.39 19.36 14.11
CA VAL B 16 10.79 19.56 13.79
C VAL B 16 10.95 20.00 12.35
N GLY B 17 12.09 20.62 12.07
CA GLY B 17 12.47 20.98 10.72
C GLY B 17 13.35 19.91 10.13
N VAL B 18 13.12 19.60 8.87
CA VAL B 18 13.95 18.66 8.11
C VAL B 18 14.67 19.50 7.07
N LEU B 19 15.94 19.78 7.32
CA LEU B 19 16.79 20.57 6.44
C LEU B 19 17.56 19.65 5.52
N VAL B 20 17.29 19.78 4.22
CA VAL B 20 17.91 18.92 3.22
C VAL B 20 18.78 19.79 2.30
N ASP B 21 20.06 19.41 2.20
CA ASP B 21 21.05 20.20 1.43
C ASP B 21 20.67 20.38 -0.04
N GLU B 22 20.63 21.64 -0.48
CA GLU B 22 20.25 22.02 -1.86
C GLU B 22 18.87 21.53 -2.32
N LYS B 23 18.03 21.16 -1.36
CA LYS B 23 16.67 20.69 -1.64
C LYS B 23 15.64 21.44 -0.79
N PRO B 24 14.35 21.36 -1.16
CA PRO B 24 13.32 22.06 -0.37
C PRO B 24 13.24 21.60 1.09
N PHE B 25 12.93 22.55 1.97
CA PHE B 25 12.71 22.31 3.39
C PHE B 25 11.40 21.51 3.62
N CYS B 26 11.35 20.77 4.72
CA CYS B 26 10.17 20.01 5.12
C CYS B 26 9.97 19.98 6.62
N GLY B 27 8.73 19.80 7.04
CA GLY B 27 8.43 19.57 8.45
C GLY B 27 8.54 18.09 8.76
N GLY B 28 8.45 17.77 10.04
CA GLY B 28 8.52 16.41 10.53
C GLY B 28 8.02 16.36 11.96
N SER B 29 7.91 15.15 12.49
CA SER B 29 7.40 14.95 13.84
C SER B 29 8.25 13.94 14.55
N ILE B 30 8.48 14.19 15.84
CA ILE B 30 9.24 13.29 16.70
C ILE B 30 8.38 12.09 17.09
N LEU B 31 8.84 10.91 16.73
CA LEU B 31 8.19 9.66 17.14
C LEU B 31 8.86 9.04 18.37
N THR B 32 10.18 8.99 18.36
CA THR B 32 10.98 8.61 19.53
C THR B 32 12.19 9.52 19.65
N ALA B 33 13.02 9.28 20.67
CA ALA B 33 14.29 9.99 20.82
C ALA B 33 15.25 9.74 19.66
N ASN B 34 14.97 8.72 18.85
CA ASN B 34 15.86 8.35 17.75
C ASN B 34 15.25 8.47 16.36
N PHE B 35 13.94 8.74 16.30
CA PHE B 35 13.23 8.67 15.04
C PHE B 35 12.29 9.83 14.80
N VAL B 36 12.35 10.37 13.58
CA VAL B 36 11.40 11.37 13.14
C VAL B 36 10.66 10.87 11.89
N ILE B 37 9.44 11.35 11.69
CA ILE B 37 8.71 11.02 10.47
C ILE B 37 8.43 12.28 9.67
N THR B 38 8.62 12.18 8.36
CA THR B 38 8.37 13.26 7.42
C THR B 38 7.80 12.62 6.17
N ALA B 39 7.65 13.41 5.09
CA ALA B 39 7.19 12.89 3.82
C ALA B 39 8.36 12.33 3.01
N ALA B 40 8.09 11.30 2.21
CA ALA B 40 9.13 10.69 1.38
C ALA B 40 9.61 11.66 0.28
N GLN B 41 8.72 12.51 -0.22
CA GLN B 41 9.05 13.49 -1.26
C GLN B 41 10.19 14.45 -0.84
N CYS B 42 10.44 14.55 0.45
CA CYS B 42 11.45 15.45 1.01
C CYS B 42 12.86 14.90 0.93
N VAL B 43 12.99 13.58 1.10
CA VAL B 43 14.28 12.95 1.38
C VAL B 43 14.62 11.78 0.45
N ASP B 44 13.73 11.49 -0.50
CA ASP B 44 13.89 10.37 -1.43
C ASP B 44 15.14 10.53 -2.28
N GLY B 45 16.05 9.57 -2.17
CA GLY B 45 17.28 9.55 -2.96
C GLY B 45 18.38 10.45 -2.44
N THR B 46 18.21 10.95 -1.22
CA THR B 46 19.19 11.85 -0.59
C THR B 46 20.01 11.11 0.46
N LYS B 47 21.32 11.36 0.46
CA LYS B 47 22.23 10.81 1.46
C LYS B 47 21.89 11.35 2.85
N PRO B 48 21.94 10.49 3.88
CA PRO B 48 21.62 10.87 5.27
C PRO B 48 22.49 12.01 5.82
N SER B 49 23.71 12.15 5.33
CA SER B 49 24.61 13.22 5.78
C SER B 49 24.28 14.59 5.18
N ASP B 50 23.32 14.63 4.24
CA ASP B 50 22.87 15.90 3.69
C ASP B 50 21.57 16.38 4.34
N ILE B 51 21.19 15.71 5.42
CA ILE B 51 19.93 15.98 6.11
C ILE B 51 20.16 16.23 7.59
N SER B 52 19.58 17.32 8.10
CA SER B 52 19.61 17.60 9.53
C SER B 52 18.23 17.88 10.11
N ILE B 53 18.06 17.50 11.36
CA ILE B 53 16.79 17.68 12.05
C ILE B 53 16.94 18.82 13.04
N HIS B 54 16.03 19.79 12.96
CA HIS B 54 16.08 20.95 13.82
C HIS B 54 14.91 20.90 14.78
N TYR B 55 15.20 20.86 16.08
CA TYR B 55 14.16 20.65 17.10
C TYR B 55 14.21 21.62 18.28
N GLY B 56 13.13 21.64 19.05
CA GLY B 56 13.04 22.45 20.27
C GLY B 56 13.11 23.95 20.08
N SER B 57 12.58 24.42 18.95
CA SER B 57 12.54 25.85 18.63
C SER B 57 11.32 26.19 17.77
N SER B 58 10.72 27.34 18.05
CA SER B 58 9.61 27.90 17.26
C SER B 58 10.11 28.44 15.92
N TYR B 59 11.42 28.62 15.81
CA TYR B 59 12.06 29.13 14.61
C TYR B 59 12.51 28.03 13.66
N ARG B 60 12.45 28.31 12.35
CA ARG B 60 12.69 27.29 11.32
C ARG B 60 14.09 26.69 11.33
N THR B 61 15.11 27.52 11.53
CA THR B 61 16.49 27.09 11.37
C THR B 61 17.42 27.53 12.50
N THR B 62 16.91 28.30 13.45
CA THR B 62 17.74 28.88 14.51
C THR B 62 17.20 28.60 15.91
N LYS B 63 18.06 28.75 16.92
CA LYS B 63 17.71 28.67 18.36
C LYS B 63 17.23 27.30 18.83
N GLY B 64 17.56 26.25 18.08
CA GLY B 64 17.22 24.92 18.56
C GLY B 64 18.43 24.08 18.81
N THR B 65 18.30 22.80 18.53
CA THR B 65 19.41 21.88 18.40
C THR B 65 19.27 21.28 17.01
N SER B 66 20.39 21.06 16.35
CA SER B 66 20.40 20.37 15.06
C SER B 66 21.17 19.07 15.13
N VAL B 67 20.53 17.99 14.68
CA VAL B 67 21.15 16.67 14.64
C VAL B 67 21.19 16.16 13.20
N MET B 68 22.31 15.57 12.81
CA MET B 68 22.45 14.95 11.50
C MET B 68 21.61 13.68 11.39
N ALA B 69 21.24 13.33 10.17
CA ALA B 69 20.54 12.08 9.91
C ALA B 69 21.56 10.95 9.76
N LYS B 70 21.25 9.81 10.38
CA LYS B 70 22.10 8.62 10.29
C LYS B 70 21.60 7.66 9.21
N LYS B 71 20.29 7.41 9.20
CA LYS B 71 19.68 6.50 8.24
C LYS B 71 18.31 6.98 7.79
N ILE B 72 18.02 6.76 6.51
CA ILE B 72 16.71 7.08 5.96
C ILE B 72 15.94 5.81 5.59
N TYR B 73 14.73 5.69 6.12
CA TYR B 73 13.86 4.55 5.82
C TYR B 73 12.68 5.00 4.99
N ILE B 74 12.57 4.41 3.80
CA ILE B 74 11.48 4.67 2.89
C ILE B 74 10.90 3.32 2.45
N VAL B 75 9.57 3.20 2.52
CA VAL B 75 8.89 1.93 2.28
C VAL B 75 7.96 2.02 1.06
N ARG B 76 8.52 1.76 -0.11
CA ARG B 76 7.79 1.73 -1.40
C ARG B 76 7.14 3.05 -1.83
N TYR B 77 7.84 4.15 -1.60
CA TYR B 77 7.39 5.44 -2.14
C TYR B 77 7.34 5.37 -3.66
N HIS B 78 6.18 5.69 -4.22
CA HIS B 78 6.02 5.78 -5.66
C HIS B 78 5.79 7.24 -6.03
N PRO B 79 6.84 7.93 -6.56
CA PRO B 79 6.73 9.35 -6.89
C PRO B 79 5.57 9.67 -7.84
N LEU B 80 5.31 8.78 -8.80
CA LEU B 80 4.29 9.00 -9.84
C LEU B 80 2.88 9.22 -9.29
N THR B 81 2.48 8.38 -8.34
CA THR B 81 1.14 8.47 -7.76
C THR B 81 1.25 9.10 -6.37
N MET B 82 2.49 9.43 -5.97
CA MET B 82 2.84 9.81 -4.60
C MET B 82 2.18 8.91 -3.53
N GLN B 83 2.24 7.60 -3.78
CA GLN B 83 1.75 6.58 -2.86
C GLN B 83 2.83 6.29 -1.83
N ASN B 84 2.41 6.05 -0.59
CA ASN B 84 3.31 5.73 0.52
C ASN B 84 4.30 6.86 0.79
N ASN B 85 3.78 8.08 0.85
CA ASN B 85 4.60 9.29 0.92
C ASN B 85 5.00 9.66 2.35
N TYR B 86 5.86 8.83 2.92
CA TYR B 86 6.41 9.08 4.23
C TYR B 86 7.81 8.52 4.29
N ALA B 87 8.61 9.10 5.16
CA ALA B 87 9.94 8.60 5.42
C ALA B 87 10.18 8.67 6.91
N VAL B 88 10.87 7.68 7.45
CA VAL B 88 11.31 7.77 8.83
C VAL B 88 12.82 7.99 8.82
N ILE B 89 13.26 8.95 9.63
CA ILE B 89 14.66 9.34 9.69
C ILE B 89 15.22 8.97 11.06
N GLU B 90 16.29 8.18 11.05
CA GLU B 90 17.01 7.86 12.27
C GLU B 90 18.08 8.91 12.51
N THR B 91 18.10 9.48 13.72
CA THR B 91 19.07 10.54 14.05
C THR B 91 20.45 9.99 14.40
N GLU B 92 21.49 10.76 14.08
CA GLU B 92 22.87 10.38 14.41
C GLU B 92 23.07 10.17 15.91
N MET B 93 22.39 10.99 16.70
CA MET B 93 22.45 10.95 18.16
C MET B 93 21.03 11.11 18.71
N PRO B 94 20.79 10.71 19.98
CA PRO B 94 19.46 10.86 20.56
C PRO B 94 18.96 12.31 20.60
N ILE B 95 17.66 12.49 20.39
CA ILE B 95 17.03 13.81 20.47
C ILE B 95 16.75 14.14 21.94
N LYS B 96 17.23 15.31 22.38
CA LYS B 96 17.12 15.74 23.77
C LYS B 96 15.68 16.07 24.19
N LEU B 97 14.95 15.03 24.56
CA LEU B 97 13.54 15.15 24.95
C LEU B 97 13.36 15.78 26.32
N ASP B 98 12.82 16.99 26.35
CA ASP B 98 12.43 17.62 27.61
C ASP B 98 10.92 17.51 27.78
N ASP B 99 10.36 18.24 28.74
CA ASP B 99 8.91 18.20 28.94
C ASP B 99 8.18 19.33 28.20
N LYS B 100 8.95 20.30 27.70
CA LYS B 100 8.37 21.58 27.25
C LYS B 100 8.46 21.85 25.75
N THR B 101 9.66 21.70 25.18
CA THR B 101 9.94 22.15 23.82
C THR B 101 10.12 21.00 22.80
N THR B 102 10.39 19.80 23.32
CA THR B 102 10.74 18.67 22.48
C THR B 102 10.08 17.43 23.09
N LYS B 103 9.10 16.88 22.37
CA LYS B 103 8.28 15.77 22.85
C LYS B 103 7.90 14.81 21.74
N LYS B 104 7.84 13.54 22.08
CA LYS B 104 7.27 12.54 21.19
C LYS B 104 5.79 12.84 21.00
N ILE B 105 5.27 12.49 19.82
CA ILE B 105 3.83 12.47 19.60
C ILE B 105 3.41 11.01 19.45
N GLU B 106 2.30 10.63 20.08
CA GLU B 106 1.82 9.25 20.00
C GLU B 106 1.31 8.90 18.61
N LEU B 107 1.57 7.65 18.22
CA LEU B 107 1.05 7.07 16.99
C LEU B 107 -0.44 6.77 17.18
N PRO B 108 -1.23 6.83 16.09
CA PRO B 108 -2.66 6.57 16.20
C PRO B 108 -2.93 5.06 16.22
N SER B 109 -4.16 4.66 16.54
CA SER B 109 -4.56 3.26 16.47
C SER B 109 -4.47 2.72 15.04
N LEU B 110 -4.31 1.40 14.93
CA LEU B 110 -4.23 0.71 13.64
C LEU B 110 -5.38 1.08 12.73
N LEU B 111 -5.03 1.57 11.54
CA LEU B 111 -5.98 1.95 10.49
C LEU B 111 -6.91 3.10 10.88
N TYR B 112 -6.51 3.92 11.85
CA TYR B 112 -7.31 5.11 12.17
C TYR B 112 -7.54 5.95 10.91
N ASP B 113 -8.77 6.40 10.73
CA ASP B 113 -9.15 7.21 9.57
C ASP B 113 -10.00 8.38 10.05
N PRO B 114 -9.46 9.62 10.02
CA PRO B 114 -10.20 10.73 10.59
C PRO B 114 -11.55 10.90 9.90
N GLU B 115 -12.58 11.17 10.69
CA GLU B 115 -13.92 11.24 10.17
C GLU B 115 -14.11 12.56 9.42
N PRO B 116 -14.87 12.52 8.30
CA PRO B 116 -15.20 13.77 7.61
C PRO B 116 -15.84 14.77 8.56
N ASP B 117 -15.44 16.04 8.41
CA ASP B 117 -15.93 17.16 9.22
C ASP B 117 -15.29 17.27 10.60
N THR B 118 -14.43 16.33 10.97
CA THR B 118 -13.59 16.53 12.15
C THR B 118 -12.43 17.42 11.73
N SER B 119 -11.64 17.87 12.72
CA SER B 119 -10.57 18.84 12.48
C SER B 119 -9.20 18.26 12.81
N VAL B 120 -8.19 18.66 12.05
CA VAL B 120 -6.80 18.27 12.32
C VAL B 120 -5.93 19.51 12.54
N LEU B 121 -5.11 19.49 13.58
CA LEU B 121 -4.20 20.59 13.87
C LEU B 121 -2.91 20.40 13.06
N VAL B 122 -2.60 21.36 12.20
CA VAL B 122 -1.40 21.25 11.37
C VAL B 122 -0.47 22.40 11.69
N SER B 123 0.82 22.11 11.81
CA SER B 123 1.82 23.13 12.12
C SER B 123 3.10 22.91 11.32
N GLY B 124 3.77 24.01 10.96
CA GLY B 124 5.00 23.95 10.20
C GLY B 124 5.51 25.31 9.78
N TRP B 125 6.54 25.30 8.94
CA TRP B 125 7.21 26.54 8.52
C TRP B 125 7.10 26.84 7.02
N GLY B 126 6.10 26.25 6.35
CA GLY B 126 5.83 26.53 4.93
C GLY B 126 5.44 27.98 4.66
N SER B 127 5.33 28.35 3.38
CA SER B 127 5.01 29.75 3.02
C SER B 127 3.64 30.18 3.56
N THR B 128 3.52 31.46 3.82
CA THR B 128 2.31 32.04 4.42
C THR B 128 1.54 32.91 3.42
N ASN B 129 2.01 32.91 2.18
CA ASN B 129 1.36 33.67 1.11
C ASN B 129 1.39 32.88 -0.20
N PHE B 130 0.30 32.93 -0.96
CA PHE B 130 0.18 32.23 -2.24
C PHE B 130 1.22 32.61 -3.29
N LYS B 131 1.64 33.86 -3.26
CA LYS B 131 2.56 34.41 -4.26
C LYS B 131 4.00 33.98 -4.01
N SER B 132 4.29 33.54 -2.78
CA SER B 132 5.65 33.31 -2.35
CA SER B 132 5.66 33.30 -2.35
C SER B 132 5.99 31.84 -2.12
N LEU B 133 7.20 31.46 -2.51
CA LEU B 133 7.73 30.14 -2.21
C LEU B 133 8.70 30.18 -1.03
N GLU B 134 8.89 31.37 -0.45
CA GLU B 134 9.78 31.53 0.70
C GLU B 134 9.10 30.98 1.97
N TYR B 135 9.90 30.36 2.82
CA TYR B 135 9.41 29.69 4.03
C TYR B 135 9.14 30.68 5.15
N SER B 136 8.35 30.27 6.15
CA SER B 136 8.10 31.14 7.31
C SER B 136 9.23 30.99 8.33
N GLY B 137 9.70 32.09 8.88
CA GLY B 137 10.70 32.05 9.97
C GLY B 137 10.08 31.49 11.25
N ASP B 138 8.80 31.78 11.45
CA ASP B 138 8.05 31.37 12.64
C ASP B 138 7.18 30.14 12.39
N LEU B 139 7.05 29.32 13.43
CA LEU B 139 6.15 28.18 13.39
C LEU B 139 4.71 28.68 13.31
N MET B 140 3.96 28.16 12.34
CA MET B 140 2.55 28.53 12.16
C MET B 140 1.67 27.31 12.41
N GLU B 141 0.42 27.53 12.83
CA GLU B 141 -0.56 26.45 12.99
C GLU B 141 -1.89 26.83 12.38
N ALA B 142 -2.68 25.83 12.01
CA ALA B 142 -4.03 26.01 11.50
C ALA B 142 -4.86 24.76 11.69
N ASN B 143 -6.18 24.93 11.76
CA ASN B 143 -7.08 23.77 11.69
C ASN B 143 -7.52 23.49 10.26
N PHE B 144 -7.48 22.22 9.89
CA PHE B 144 -7.95 21.76 8.59
C PHE B 144 -9.14 20.82 8.78
N THR B 145 -10.22 21.06 8.06
CA THR B 145 -11.41 20.21 8.14
C THR B 145 -11.28 18.98 7.22
N VAL B 146 -11.40 17.79 7.81
CA VAL B 146 -11.34 16.53 7.07
C VAL B 146 -12.46 16.44 6.02
N VAL B 147 -12.09 16.09 4.80
CA VAL B 147 -13.04 15.94 3.69
C VAL B 147 -13.18 14.46 3.33
N ASP B 148 -14.41 14.03 3.07
CA ASP B 148 -14.70 12.68 2.64
C ASP B 148 -13.78 12.23 1.48
N ARG B 149 -13.10 11.11 1.66
CA ARG B 149 -12.15 10.61 0.66
C ARG B 149 -12.73 10.49 -0.75
N LYS B 150 -13.94 9.94 -0.85
CA LYS B 150 -14.62 9.82 -2.14
C LYS B 150 -14.95 11.20 -2.75
N SER B 151 -15.46 12.12 -1.93
CA SER B 151 -15.75 13.48 -2.39
CA SER B 151 -15.74 13.48 -2.37
C SER B 151 -14.49 14.17 -2.90
N CYS B 152 -13.38 13.96 -2.20
CA CYS B 152 -12.10 14.55 -2.57
C CYS B 152 -11.54 13.93 -3.86
N GLU B 153 -11.67 12.62 -4.00
CA GLU B 153 -11.23 11.93 -5.21
C GLU B 153 -11.93 12.42 -6.49
N GLU B 154 -13.24 12.64 -6.41
CA GLU B 154 -13.98 13.13 -7.57
C GLU B 154 -13.65 14.59 -7.89
N GLN B 155 -13.19 15.33 -6.89
CA GLN B 155 -12.62 16.67 -7.09
C GLN B 155 -11.31 16.57 -7.88
N TYR B 156 -10.42 15.69 -7.43
CA TYR B 156 -9.13 15.47 -8.11
C TYR B 156 -9.26 14.91 -9.54
N LYS B 157 -10.31 14.13 -9.79
CA LYS B 157 -10.59 13.52 -11.09
C LYS B 157 -10.84 14.56 -12.19
N GLN B 158 -11.36 15.72 -11.78
CA GLN B 158 -11.64 16.84 -12.69
C GLN B 158 -10.43 17.27 -13.51
N ILE B 159 -9.23 17.02 -12.98
CA ILE B 159 -7.99 17.28 -13.71
C ILE B 159 -7.14 16.02 -13.89
N GLU B 160 -7.80 14.86 -13.85
CA GLU B 160 -7.16 13.55 -13.96
C GLU B 160 -6.07 13.32 -12.91
N ALA B 161 -6.27 13.86 -11.71
CA ALA B 161 -5.29 13.70 -10.63
C ALA B 161 -5.78 12.76 -9.52
N ASP B 162 -6.79 11.94 -9.81
CA ASP B 162 -7.38 11.04 -8.81
C ASP B 162 -6.44 9.93 -8.33
N LYS B 163 -5.39 9.66 -9.08
CA LYS B 163 -4.35 8.70 -8.66
C LYS B 163 -3.71 9.02 -7.31
N TYR B 164 -3.79 10.28 -6.90
CA TYR B 164 -3.19 10.76 -5.68
C TYR B 164 -4.03 10.47 -4.44
N ILE B 165 -5.30 10.16 -4.68
CA ILE B 165 -6.25 9.92 -3.61
C ILE B 165 -6.54 8.43 -3.53
N TYR B 166 -6.23 7.84 -2.38
CA TYR B 166 -6.34 6.40 -2.15
C TYR B 166 -6.42 6.20 -0.63
N ASP B 167 -6.52 4.95 -0.16
CA ASP B 167 -6.77 4.71 1.26
C ASP B 167 -5.65 5.11 2.20
N GLY B 168 -4.42 5.23 1.66
CA GLY B 168 -3.25 5.58 2.47
C GLY B 168 -3.15 7.07 2.79
N VAL B 169 -4.09 7.86 2.26
CA VAL B 169 -4.14 9.28 2.58
C VAL B 169 -5.54 9.68 3.03
N PHE B 170 -5.64 10.81 3.74
CA PHE B 170 -6.94 11.45 3.93
C PHE B 170 -6.85 12.87 3.40
N CYS B 171 -7.99 13.52 3.19
CA CYS B 171 -8.00 14.87 2.67
C CYS B 171 -8.54 15.83 3.69
N ALA B 172 -7.97 17.04 3.70
CA ALA B 172 -8.46 18.09 4.58
C ALA B 172 -8.20 19.45 3.97
N GLY B 173 -9.18 20.34 4.10
CA GLY B 173 -9.07 21.71 3.62
C GLY B 173 -9.21 22.67 4.78
N GLY B 174 -8.55 23.83 4.67
CA GLY B 174 -8.65 24.85 5.71
C GLY B 174 -9.94 25.63 5.63
N GLU B 175 -9.82 26.95 5.46
CA GLU B 175 -10.94 27.88 5.44
C GLU B 175 -11.06 28.55 4.08
N GLU B 178 -9.42 30.49 2.67
CA GLU B 178 -8.61 31.23 3.64
C GLU B 178 -7.35 30.47 4.13
N THR B 179 -7.49 29.20 4.46
CA THR B 179 -6.42 28.42 5.10
C THR B 179 -5.91 27.25 4.24
N TYR B 180 -4.58 27.21 4.01
CA TYR B 180 -3.96 26.33 3.02
C TYR B 180 -2.56 25.84 3.39
N ILE B 181 -2.22 24.66 2.87
CA ILE B 181 -0.84 24.13 2.88
C ILE B 181 0.04 24.99 1.98
N GLY B 182 1.20 25.41 2.48
CA GLY B 182 2.16 26.22 1.71
C GLY B 182 3.41 25.44 1.29
N TYR B 183 4.16 26.00 0.37
CA TYR B 183 5.45 25.44 -0.04
C TYR B 183 6.36 25.37 1.17
N GLY B 184 6.92 24.18 1.43
CA GLY B 184 7.69 23.94 2.65
C GLY B 184 6.91 23.22 3.74
N ASP B 185 5.62 22.97 3.51
CA ASP B 185 4.77 22.27 4.51
C ASP B 185 4.64 20.75 4.31
N ALA B 186 5.27 20.19 3.27
CA ALA B 186 5.32 18.72 3.16
C ALA B 186 6.00 18.16 4.42
N GLY B 187 5.47 17.08 4.97
CA GLY B 187 6.00 16.48 6.18
C GLY B 187 5.41 17.00 7.48
N ASP B 188 4.65 18.09 7.41
CA ASP B 188 4.02 18.68 8.60
C ASP B 188 3.14 17.66 9.30
N PRO B 189 3.19 17.62 10.64
CA PRO B 189 2.27 16.78 11.42
C PRO B 189 0.83 17.28 11.32
N ALA B 190 -0.12 16.36 11.19
CA ALA B 190 -1.53 16.67 11.37
C ALA B 190 -1.98 15.88 12.61
N VAL B 191 -2.47 16.59 13.62
CA VAL B 191 -2.75 15.99 14.94
C VAL B 191 -4.23 16.02 15.31
N GLN B 192 -4.67 14.95 15.97
CA GLN B 192 -5.99 14.93 16.60
C GLN B 192 -5.83 14.32 17.98
N ASN B 193 -6.25 15.09 18.99
CA ASN B 193 -6.14 14.67 20.40
C ASN B 193 -4.82 13.98 20.74
N GLY B 194 -3.72 14.70 20.51
CA GLY B 194 -2.39 14.25 20.91
C GLY B 194 -1.81 13.04 20.19
N THR B 195 -2.45 12.62 19.10
CA THR B 195 -1.90 11.56 18.26
C THR B 195 -1.66 12.07 16.85
N LEU B 196 -0.60 11.58 16.23
CA LEU B 196 -0.26 11.93 14.85
C LEU B 196 -1.07 11.10 13.86
N VAL B 197 -2.10 11.70 13.29
CA VAL B 197 -3.00 11.00 12.38
C VAL B 197 -2.61 11.19 10.91
N GLY B 198 -1.87 12.26 10.63
CA GLY B 198 -1.51 12.63 9.27
C GLY B 198 -0.12 13.23 9.12
N VAL B 199 0.44 13.06 7.93
CA VAL B 199 1.70 13.69 7.53
C VAL B 199 1.40 14.43 6.21
N ALA B 200 1.53 15.75 6.23
CA ALA B 200 1.21 16.55 5.05
C ALA B 200 2.08 16.19 3.85
N SER B 201 1.47 16.25 2.68
CA SER B 201 2.21 16.14 1.43
C SER B 201 2.04 17.45 0.67
N TYR B 202 2.84 17.65 -0.35
CA TYR B 202 2.69 18.82 -1.20
C TYR B 202 2.78 18.37 -2.64
N ILE B 203 1.66 18.51 -3.33
CA ILE B 203 1.58 18.05 -4.71
C ILE B 203 1.65 19.27 -5.62
N SER B 204 2.75 19.39 -6.33
CA SER B 204 3.01 20.56 -7.18
C SER B 204 1.88 20.78 -8.20
N SER B 205 1.51 22.05 -8.36
CA SER B 205 0.57 22.51 -9.40
C SER B 205 -0.85 21.93 -9.26
N MET B 206 -1.22 21.56 -8.05
CA MET B 206 -2.60 21.22 -7.76
C MET B 206 -3.34 22.52 -7.47
N PRO B 207 -4.55 22.66 -8.03
CA PRO B 207 -5.38 23.81 -7.70
C PRO B 207 -5.50 23.96 -6.18
N SER B 208 -5.28 25.18 -5.69
CA SER B 208 -5.31 25.50 -4.26
C SER B 208 -6.65 25.20 -3.61
N GLU B 209 -7.72 25.30 -4.38
CA GLU B 209 -9.08 25.03 -3.89
C GLU B 209 -9.36 23.55 -3.57
N PHE B 210 -8.52 22.65 -4.06
CA PHE B 210 -8.67 21.22 -3.72
C PHE B 210 -8.23 20.99 -2.29
N PRO B 211 -8.87 20.05 -1.58
CA PRO B 211 -8.39 19.68 -0.25
C PRO B 211 -6.93 19.21 -0.32
N SER B 212 -6.16 19.49 0.71
CA SER B 212 -4.78 19.03 0.75
C SER B 212 -4.76 17.55 1.11
N VAL B 213 -3.65 16.89 0.83
CA VAL B 213 -3.53 15.44 0.93
C VAL B 213 -2.54 15.11 2.04
N PHE B 214 -2.96 14.24 2.96
CA PHE B 214 -2.16 13.88 4.14
C PHE B 214 -2.02 12.37 4.22
N LEU B 215 -0.79 11.91 4.43
CA LEU B 215 -0.58 10.50 4.73
C LEU B 215 -1.48 10.08 5.91
N ARG B 216 -2.23 9.00 5.72
CA ARG B 216 -3.05 8.45 6.78
C ARG B 216 -2.13 7.56 7.60
N VAL B 217 -1.61 8.12 8.70
CA VAL B 217 -0.59 7.43 9.50
C VAL B 217 -1.11 6.09 10.01
N GLY B 218 -2.38 6.06 10.40
CA GLY B 218 -3.04 4.81 10.79
C GLY B 218 -2.88 3.63 9.83
N TYR B 219 -2.84 3.93 8.54
CA TYR B 219 -2.66 2.92 7.49
C TYR B 219 -1.26 2.28 7.51
N TYR B 220 -0.25 3.01 8.04
CA TYR B 220 1.15 2.59 7.99
C TYR B 220 1.81 2.35 9.35
N VAL B 221 1.01 2.35 10.42
CA VAL B 221 1.52 2.17 11.78
C VAL B 221 2.40 0.93 11.88
N LEU B 222 1.96 -0.15 11.23
CA LEU B 222 2.70 -1.41 11.19
C LEU B 222 4.09 -1.26 10.57
N ASP B 223 4.17 -0.46 9.52
CA ASP B 223 5.44 -0.19 8.85
C ASP B 223 6.35 0.68 9.68
N ILE B 224 5.77 1.72 10.28
CA ILE B 224 6.51 2.63 11.16
C ILE B 224 7.07 1.87 12.36
N LYS B 225 6.26 1.01 12.97
CA LYS B 225 6.69 0.21 14.12
C LYS B 225 7.78 -0.78 13.69
N ASP B 226 7.60 -1.40 12.53
CA ASP B 226 8.64 -2.25 11.94
C ASP B 226 9.98 -1.51 11.79
N ILE B 227 9.93 -0.28 11.27
CA ILE B 227 11.14 0.54 11.09
C ILE B 227 11.85 0.82 12.42
N ILE B 228 11.08 1.28 13.40
CA ILE B 228 11.62 1.65 14.70
C ILE B 228 12.23 0.42 15.39
N SER B 229 11.52 -0.71 15.34
CA SER B 229 12.00 -1.96 15.95
C SER B 229 13.17 -2.59 15.19
N GLY B 230 13.58 -1.98 14.08
CA GLY B 230 14.77 -2.40 13.34
C GLY B 230 14.56 -3.53 12.35
N LYS B 231 13.34 -3.67 11.85
CA LYS B 231 12.98 -4.78 10.96
C LYS B 231 12.90 -4.37 9.48
N VAL B 232 13.39 -3.17 9.15
CA VAL B 232 13.35 -2.65 7.79
C VAL B 232 14.72 -2.06 7.42
N LYS B 233 15.18 -2.35 6.21
CA LYS B 233 16.48 -1.86 5.73
C LYS B 233 16.38 -0.46 5.16
N PRO B 234 17.31 0.43 5.53
CA PRO B 234 17.32 1.81 5.03
C PRO B 234 17.74 1.91 3.56
N GLN B 235 17.47 3.06 2.95
CA GLN B 235 18.00 3.37 1.62
C GLN B 235 19.51 3.54 1.70
#